data_4DCQ
#
_entry.id   4DCQ
#
_cell.length_a   78.068
_cell.length_b   121.815
_cell.length_c   42.012
_cell.angle_alpha   90.000
_cell.angle_beta   90.000
_cell.angle_gamma   90.000
#
_symmetry.space_group_name_H-M   'P 21 21 2'
#
loop_
_entity.id
_entity.type
_entity.pdbx_description
1 polymer '3B5H10 FAB Light Chain'
2 polymer '3B5H10 FAB Heavy Chain'
3 non-polymer 1,2-ETHANEDIOL
4 water water
#
loop_
_entity_poly.entity_id
_entity_poly.type
_entity_poly.pdbx_seq_one_letter_code
_entity_poly.pdbx_strand_id
1 'polypeptide(L)'
;LVLTQSSSASFSLGASAKLTCTLNSQHSTYTIEWYQQQPLKPPKYVMELKKDGSHSTGDGIPDRFSGSSSGADRYLLISN
IQPEDEAIYICGVGDTIKEQFVYVFGGGTKVTVLGQPKSTPTLTVFPPSSEELKENKATLVCLISNFSPSGVTVAWKANG
TPITQGVDTSNPTKKGNKFMASSFLHLTSDQWRSHQSFTCQVTHEGDTVEKSLSPALR
;
A
2 'polypeptide(L)'
;QIQLVQSGPELKKPGETVKISCKASGYTFTTYGMSWVKQAPGKGFEWMGWINTYSGVPTYVDDFKGRFAFSLETSASTAY
LQINNLKNEDTAVYFCARGGNNFLWFAYWGQGTLVTVSAAKTTPPSVYPLAPGSAAQTNSMVTLGCLVKGYFPEPVTVTW
NSGSLSSGVHTFPAVLQSDLYTLSSSVTVPSSTWPSQTVTCNVAHPASSTKVDKKIVP
;
B
#
loop_
_chem_comp.id
_chem_comp.type
_chem_comp.name
_chem_comp.formula
EDO non-polymer 1,2-ETHANEDIOL 'C2 H6 O2'
#
# COMPACT_ATOMS: atom_id res chain seq x y z
N LEU A 1 9.67 22.69 -15.66
CA LEU A 1 8.36 22.09 -15.31
C LEU A 1 7.42 23.20 -14.87
N VAL A 2 6.13 23.02 -15.12
CA VAL A 2 5.11 23.97 -14.64
C VAL A 2 5.08 24.02 -13.09
N LEU A 3 5.24 22.85 -12.47
CA LEU A 3 5.27 22.75 -11.02
C LEU A 3 6.54 21.96 -10.61
N THR A 4 7.41 22.58 -9.79
CA THR A 4 8.63 21.90 -9.28
C THR A 4 8.48 21.55 -7.78
N GLN A 5 8.57 20.27 -7.41
CA GLN A 5 8.65 19.86 -5.99
C GLN A 5 9.89 18.97 -5.79
N SER A 6 10.64 19.15 -4.71
CA SER A 6 11.73 18.17 -4.40
C SER A 6 11.05 16.87 -4.03
N SER A 7 11.66 15.75 -4.43
CA SER A 7 10.95 14.48 -4.28
C SER A 7 10.86 14.04 -2.80
N SER A 8 11.61 14.66 -1.90
CA SER A 8 11.61 14.24 -0.49
C SER A 8 11.94 15.37 0.48
N ALA A 9 11.45 15.25 1.71
CA ALA A 9 11.71 16.21 2.74
C ALA A 9 11.54 15.52 4.08
N SER A 10 12.30 15.96 5.06
CA SER A 10 12.11 15.39 6.38
C SER A 10 12.07 16.52 7.42
N PHE A 11 11.42 16.26 8.57
CA PHE A 11 11.22 17.25 9.61
C PHE A 11 11.19 16.57 10.98
N SER A 12 11.56 17.29 12.04
CA SER A 12 11.57 16.72 13.41
C SER A 12 10.15 16.68 13.87
N LEU A 13 9.73 15.55 14.44
CA LEU A 13 8.42 15.47 15.11
C LEU A 13 8.15 16.71 15.97
N GLY A 14 6.97 17.30 15.81
CA GLY A 14 6.54 18.39 16.67
C GLY A 14 7.12 19.75 16.28
N ALA A 15 7.95 19.76 15.24
CA ALA A 15 8.51 21.02 14.72
C ALA A 15 7.64 21.52 13.61
N SER A 16 7.98 22.69 13.08
CA SER A 16 7.26 23.23 11.93
C SER A 16 7.78 22.60 10.62
N ALA A 17 6.85 22.18 9.76
CA ALA A 17 7.23 21.63 8.47
C ALA A 17 6.86 22.60 7.34
N LYS A 18 7.78 22.82 6.41
CA LYS A 18 7.48 23.72 5.31
C LYS A 18 7.83 23.12 3.94
N LEU A 19 6.81 23.01 3.06
CA LEU A 19 6.94 22.36 1.76
C LEU A 19 6.81 23.43 0.69
N THR A 20 7.62 23.33 -0.36
CA THR A 20 7.66 24.30 -1.47
C THR A 20 7.22 23.63 -2.77
N CYS A 21 6.27 24.27 -3.41
CA CYS A 21 5.92 23.96 -4.79
C CYS A 21 6.23 25.25 -5.56
N THR A 22 7.07 25.18 -6.58
CA THR A 22 7.48 26.35 -7.33
C THR A 22 6.85 26.34 -8.72
N LEU A 23 6.14 27.41 -9.06
CA LEU A 23 5.48 27.54 -10.37
C LEU A 23 6.46 28.13 -11.39
N ASN A 24 6.33 27.75 -12.66
CA ASN A 24 7.20 28.38 -13.65
C ASN A 24 6.74 29.81 -13.90
N SER A 25 7.57 30.59 -14.58
CA SER A 25 7.30 32.01 -14.77
C SER A 25 5.89 32.25 -15.34
N GLN A 26 5.53 31.47 -16.36
CA GLN A 26 4.25 31.62 -17.06
C GLN A 26 3.06 31.35 -16.12
N HIS A 27 3.28 30.68 -14.98
CA HIS A 27 2.17 30.51 -14.04
C HIS A 27 2.44 31.08 -12.64
N SER A 28 3.36 32.05 -12.59
CA SER A 28 3.93 32.53 -11.32
C SER A 28 2.92 33.08 -10.33
N THR A 29 1.75 33.57 -10.77
CA THR A 29 0.73 34.09 -9.83
C THR A 29 -0.45 33.16 -9.70
N TYR A 30 -0.38 31.95 -10.26
CA TYR A 30 -1.52 31.02 -10.18
C TYR A 30 -1.82 30.51 -8.79
N THR A 31 -3.12 30.30 -8.51
CA THR A 31 -3.52 29.51 -7.34
C THR A 31 -3.17 28.04 -7.59
N ILE A 32 -2.72 27.32 -6.56
CA ILE A 32 -2.49 25.89 -6.69
C ILE A 32 -3.39 25.14 -5.71
N GLU A 33 -3.48 23.82 -5.85
CA GLU A 33 -4.08 23.00 -4.87
C GLU A 33 -3.02 22.07 -4.23
N TRP A 34 -3.21 21.72 -2.95
CA TRP A 34 -2.39 20.70 -2.29
C TRP A 34 -3.23 19.48 -2.04
N TYR A 35 -2.62 18.31 -2.32
CA TYR A 35 -3.23 17.01 -2.06
C TYR A 35 -2.28 16.21 -1.18
N GLN A 36 -2.84 15.30 -0.39
CA GLN A 36 -2.06 14.38 0.43
C GLN A 36 -2.32 12.97 -0.06
N GLN A 37 -1.26 12.21 -0.28
CA GLN A 37 -1.38 10.82 -0.66
C GLN A 37 -0.71 9.88 0.34
N GLN A 38 -1.52 9.00 0.91
CA GLN A 38 -1.00 7.96 1.80
C GLN A 38 -1.38 6.56 1.31
N PRO A 39 -0.62 5.53 1.70
CA PRO A 39 -0.98 4.22 1.12
C PRO A 39 -2.38 3.76 1.53
N LEU A 40 -3.01 2.97 0.67
CA LEU A 40 -4.29 2.32 0.97
C LEU A 40 -5.41 3.30 1.32
N LYS A 41 -5.27 4.57 0.93
CA LYS A 41 -6.33 5.55 1.16
C LYS A 41 -6.58 6.28 -0.15
N PRO A 42 -7.80 6.81 -0.32
CA PRO A 42 -7.98 7.80 -1.38
C PRO A 42 -6.96 8.95 -1.17
N PRO A 43 -6.40 9.50 -2.26
CA PRO A 43 -5.73 10.81 -2.12
C PRO A 43 -6.67 11.85 -1.52
N LYS A 44 -6.14 12.77 -0.74
CA LYS A 44 -6.99 13.74 -0.02
CA LYS A 44 -7.00 13.73 -0.04
C LYS A 44 -6.70 15.16 -0.49
N TYR A 45 -7.75 15.88 -0.76
CA TYR A 45 -7.67 17.30 -1.05
C TYR A 45 -7.32 18.03 0.27
N VAL A 46 -6.23 18.79 0.28
CA VAL A 46 -5.78 19.46 1.51
C VAL A 46 -6.14 20.96 1.51
N MET A 47 -5.81 21.68 0.44
CA MET A 47 -6.09 23.13 0.40
C MET A 47 -6.02 23.80 -0.93
N GLU A 48 -6.71 24.92 -1.09
CA GLU A 48 -6.48 25.82 -2.21
C GLU A 48 -5.69 27.01 -1.70
N LEU A 49 -4.68 27.45 -2.43
CA LEU A 49 -3.69 28.41 -1.93
C LEU A 49 -3.39 29.44 -2.99
N LYS A 50 -3.76 30.68 -2.70
CA LYS A 50 -3.57 31.80 -3.66
C LYS A 50 -2.22 32.49 -3.66
N LYS A 51 -1.96 33.20 -4.75
CA LYS A 51 -0.70 33.95 -4.92
C LYS A 51 -0.40 34.86 -3.73
N ASP A 52 -1.46 35.42 -3.11
CA ASP A 52 -1.27 36.33 -1.96
C ASP A 52 -1.15 35.56 -0.64
N GLY A 53 -1.26 34.24 -0.69
CA GLY A 53 -1.13 33.46 0.53
C GLY A 53 -2.43 33.09 1.22
N SER A 54 -3.54 33.65 0.75
CA SER A 54 -4.84 33.23 1.28
C SER A 54 -5.15 31.80 0.81
N HIS A 55 -5.82 31.04 1.67
CA HIS A 55 -6.06 29.63 1.43
C HIS A 55 -7.34 29.19 2.16
N SER A 56 -7.97 28.15 1.63
CA SER A 56 -8.99 27.42 2.36
C SER A 56 -8.63 25.94 2.41
N THR A 57 -8.83 25.30 3.57
CA THR A 57 -8.53 23.90 3.75
C THR A 57 -9.76 23.05 3.50
N GLY A 58 -9.54 21.81 3.09
CA GLY A 58 -10.61 20.85 2.91
C GLY A 58 -11.14 20.22 4.19
N ASP A 59 -12.26 19.54 4.01
CA ASP A 59 -12.85 18.56 4.89
C ASP A 59 -11.85 17.56 5.56
N GLY A 60 -11.88 17.50 6.90
CA GLY A 60 -11.04 16.59 7.66
C GLY A 60 -9.55 16.95 7.66
N ILE A 61 -9.25 18.20 7.35
CA ILE A 61 -7.86 18.66 7.42
C ILE A 61 -7.63 19.37 8.77
N PRO A 62 -6.77 18.82 9.64
CA PRO A 62 -6.49 19.46 10.91
C PRO A 62 -5.86 20.84 10.80
N ASP A 63 -6.11 21.65 11.82
CA ASP A 63 -5.82 23.08 11.83
CA ASP A 63 -5.81 23.07 11.75
C ASP A 63 -4.33 23.32 11.82
N ARG A 64 -3.54 22.27 12.03
CA ARG A 64 -2.10 22.47 11.94
C ARG A 64 -1.60 22.70 10.49
N PHE A 65 -2.46 22.49 9.49
CA PHE A 65 -2.11 22.75 8.10
C PHE A 65 -2.43 24.17 7.68
N SER A 66 -1.42 24.83 7.13
CA SER A 66 -1.57 26.19 6.67
C SER A 66 -0.79 26.39 5.38
N GLY A 67 -0.91 27.59 4.80
CA GLY A 67 -0.37 27.85 3.48
C GLY A 67 0.12 29.27 3.44
N SER A 68 1.08 29.54 2.56
CA SER A 68 1.54 30.90 2.31
C SER A 68 2.25 30.94 0.98
N SER A 69 2.53 32.14 0.49
CA SER A 69 3.12 32.30 -0.85
C SER A 69 4.19 33.39 -0.90
N SER A 70 5.07 33.28 -1.88
CA SER A 70 6.11 34.29 -2.12
C SER A 70 6.53 34.15 -3.57
N GLY A 71 6.17 35.13 -4.39
CA GLY A 71 6.43 35.09 -5.82
C GLY A 71 5.79 33.83 -6.38
N ALA A 72 6.59 33.07 -7.14
CA ALA A 72 6.16 31.81 -7.78
C ALA A 72 6.15 30.58 -6.84
N ASP A 73 6.52 30.79 -5.57
CA ASP A 73 6.58 29.72 -4.54
C ASP A 73 5.29 29.65 -3.79
N ARG A 74 4.81 28.42 -3.57
CA ARG A 74 3.64 28.12 -2.77
C ARG A 74 4.07 27.11 -1.70
N TYR A 75 3.77 27.41 -0.44
CA TYR A 75 4.24 26.64 0.68
C TYR A 75 3.07 26.00 1.38
N LEU A 76 3.20 24.72 1.70
CA LEU A 76 2.32 24.09 2.66
C LEU A 76 3.08 24.04 3.98
N LEU A 77 2.50 24.59 5.05
CA LEU A 77 3.09 24.53 6.40
C LEU A 77 2.28 23.61 7.28
N ILE A 78 2.97 22.72 7.98
CA ILE A 78 2.36 21.86 9.01
C ILE A 78 2.98 22.24 10.35
N SER A 79 2.20 22.85 11.24
CA SER A 79 2.75 23.21 12.51
C SER A 79 2.80 21.90 13.33
N ASN A 80 3.77 21.79 14.25
CA ASN A 80 3.90 20.61 15.12
C ASN A 80 3.66 19.29 14.38
N ILE A 81 4.37 19.07 13.29
CA ILE A 81 4.10 17.91 12.42
C ILE A 81 4.10 16.58 13.22
N GLN A 82 3.16 15.70 12.87
CA GLN A 82 2.88 14.46 13.60
C GLN A 82 3.19 13.29 12.71
N PRO A 83 3.40 12.10 13.31
CA PRO A 83 3.65 10.89 12.53
C PRO A 83 2.58 10.66 11.47
N GLU A 84 1.32 11.02 11.76
CA GLU A 84 0.20 10.70 10.83
C GLU A 84 0.29 11.62 9.59
N ASP A 85 1.14 12.63 9.62
CA ASP A 85 1.29 13.57 8.52
C ASP A 85 2.34 13.10 7.50
N GLU A 86 3.02 11.98 7.80
CA GLU A 86 3.87 11.35 6.79
C GLU A 86 3.00 10.92 5.63
N ALA A 87 3.46 11.26 4.42
CA ALA A 87 2.66 11.24 3.24
C ALA A 87 3.44 11.77 2.06
N ILE A 88 2.89 11.52 0.87
CA ILE A 88 3.37 12.22 -0.29
C ILE A 88 2.48 13.45 -0.47
N TYR A 89 3.09 14.64 -0.48
CA TYR A 89 2.30 15.84 -0.75
C TYR A 89 2.51 16.34 -2.16
N ILE A 90 1.42 16.58 -2.86
CA ILE A 90 1.48 16.86 -4.30
C ILE A 90 0.81 18.20 -4.59
N CYS A 91 1.45 19.09 -5.33
CA CYS A 91 0.72 20.31 -5.70
C CYS A 91 0.14 20.14 -7.10
N GLY A 92 -0.90 20.92 -7.41
CA GLY A 92 -1.57 20.84 -8.73
C GLY A 92 -2.02 22.23 -9.16
N VAL A 93 -2.22 22.44 -10.44
CA VAL A 93 -2.63 23.77 -10.93
C VAL A 93 -3.38 23.51 -12.21
N GLY A 94 -4.50 24.20 -12.37
CA GLY A 94 -5.28 24.18 -13.61
C GLY A 94 -5.11 25.45 -14.40
N ASP A 95 -5.50 25.39 -15.68
CA ASP A 95 -5.29 26.47 -16.61
C ASP A 95 -6.14 26.20 -17.85
N THR A 96 -6.25 27.24 -18.69
CA THR A 96 -6.88 27.12 -20.02
C THR A 96 -5.79 27.32 -21.07
N ILE A 97 -5.67 26.35 -21.99
CA ILE A 97 -4.79 26.43 -23.18
C ILE A 97 -5.61 26.09 -24.44
N LYS A 98 -5.68 27.03 -25.40
CA LYS A 98 -6.88 27.27 -26.29
C LYS A 98 -8.27 26.72 -25.89
N GLU A 99 -9.01 27.45 -25.05
CA GLU A 99 -10.38 27.05 -24.69
C GLU A 99 -10.42 25.68 -23.99
N GLN A 100 -9.31 24.96 -24.04
CA GLN A 100 -9.24 23.65 -23.39
C GLN A 100 -8.59 23.71 -22.00
N PHE A 101 -9.29 23.15 -21.01
CA PHE A 101 -8.72 22.93 -19.66
C PHE A 101 -7.47 22.05 -19.68
N VAL A 102 -6.46 22.44 -18.92
CA VAL A 102 -5.29 21.60 -18.68
C VAL A 102 -5.10 21.52 -17.17
N TYR A 103 -4.58 20.40 -16.67
CA TYR A 103 -4.27 20.30 -15.25
C TYR A 103 -2.98 19.54 -15.10
N VAL A 104 -2.15 20.00 -14.18
CA VAL A 104 -0.76 19.56 -14.13
C VAL A 104 -0.50 19.28 -12.66
N PHE A 105 0.02 18.09 -12.31
CA PHE A 105 0.35 17.82 -10.91
C PHE A 105 1.89 17.81 -10.81
N GLY A 106 2.39 18.32 -9.68
CA GLY A 106 3.80 18.23 -9.36
C GLY A 106 4.17 16.76 -9.18
N GLY A 107 5.48 16.48 -9.06
CA GLY A 107 5.94 15.09 -8.98
C GLY A 107 5.81 14.53 -7.56
N GLY A 108 5.46 15.41 -6.60
CA GLY A 108 5.22 15.02 -5.19
C GLY A 108 6.44 15.12 -4.30
N THR A 109 6.21 15.44 -3.03
CA THR A 109 7.28 15.46 -2.05
C THR A 109 6.96 14.40 -0.98
N LYS A 110 7.82 13.40 -0.80
CA LYS A 110 7.57 12.36 0.21
C LYS A 110 8.16 12.82 1.52
N VAL A 111 7.30 13.00 2.52
CA VAL A 111 7.63 13.64 3.83
C VAL A 111 7.76 12.57 4.88
N THR A 112 8.90 12.57 5.55
CA THR A 112 9.11 11.65 6.67
C THR A 112 9.29 12.48 7.96
N VAL A 113 8.81 11.93 9.07
CA VAL A 113 8.82 12.68 10.32
C VAL A 113 9.86 12.00 11.21
N LEU A 114 10.91 12.73 11.56
CA LEU A 114 12.04 12.06 12.23
C LEU A 114 12.00 12.34 13.73
N GLY A 115 12.88 11.68 14.47
CA GLY A 115 12.94 11.87 15.93
C GLY A 115 11.75 11.38 16.72
N GLN A 116 10.96 10.46 16.15
CA GLN A 116 9.86 9.82 16.91
C GLN A 116 10.38 8.89 18.02
N PRO A 117 9.54 8.67 19.08
CA PRO A 117 9.98 7.78 20.16
C PRO A 117 10.03 6.43 19.51
N LYS A 118 10.88 5.54 20.01
CA LYS A 118 11.05 4.24 19.38
C LYS A 118 10.46 3.11 20.24
N SER A 119 9.83 2.16 19.56
CA SER A 119 9.43 0.87 20.15
C SER A 119 10.26 -0.17 19.41
N THR A 120 10.87 -1.09 20.09
CA THR A 120 11.80 -1.92 19.33
C THR A 120 11.03 -3.13 18.75
N PRO A 121 11.55 -3.73 17.68
CA PRO A 121 10.72 -4.73 17.03
C PRO A 121 10.66 -5.99 17.87
N THR A 122 9.53 -6.67 17.76
CA THR A 122 9.37 -8.06 18.21
C THR A 122 9.57 -8.97 17.00
N LEU A 123 10.34 -10.05 17.16
CA LEU A 123 10.56 -10.99 16.03
C LEU A 123 9.89 -12.30 16.34
N THR A 124 9.34 -12.91 15.30
CA THR A 124 8.84 -14.27 15.38
C THR A 124 9.36 -15.01 14.13
N VAL A 125 9.97 -16.17 14.35
CA VAL A 125 10.61 -16.95 13.31
C VAL A 125 9.99 -18.32 13.27
N PHE A 126 9.83 -18.85 12.06
CA PHE A 126 9.32 -20.18 11.87
C PHE A 126 10.26 -20.90 10.90
N PRO A 127 10.59 -22.16 11.23
CA PRO A 127 11.34 -23.04 10.38
C PRO A 127 10.44 -23.52 9.24
N PRO A 128 11.01 -24.18 8.23
CA PRO A 128 10.18 -24.81 7.21
C PRO A 128 9.21 -25.84 7.81
N SER A 129 7.98 -25.88 7.28
CA SER A 129 7.04 -26.91 7.65
C SER A 129 7.44 -28.31 7.09
N SER A 130 6.85 -29.35 7.69
CA SER A 130 7.07 -30.73 7.33
C SER A 130 6.57 -30.92 5.89
N GLU A 131 5.40 -30.32 5.61
CA GLU A 131 4.77 -30.36 4.28
CA GLU A 131 4.77 -30.36 4.26
C GLU A 131 5.71 -29.76 3.20
N GLU A 132 6.19 -28.54 3.43
CA GLU A 132 7.12 -27.92 2.48
C GLU A 132 8.45 -28.70 2.32
N LEU A 133 9.01 -29.21 3.43
CA LEU A 133 10.22 -30.05 3.31
C LEU A 133 10.02 -31.28 2.44
N LYS A 134 8.85 -31.92 2.57
CA LYS A 134 8.49 -33.07 1.72
C LYS A 134 8.51 -32.66 0.24
N GLU A 135 8.30 -31.38 -0.06
CA GLU A 135 8.39 -30.93 -1.46
C GLU A 135 9.81 -30.49 -1.79
N ASN A 136 10.74 -30.70 -0.84
CA ASN A 136 12.16 -30.43 -1.04
C ASN A 136 12.49 -28.92 -1.00
N LYS A 137 11.65 -28.17 -0.31
CA LYS A 137 11.79 -26.72 -0.27
C LYS A 137 11.80 -26.32 1.16
N ALA A 138 12.32 -25.14 1.48
CA ALA A 138 12.38 -24.69 2.89
C ALA A 138 12.37 -23.16 2.88
N THR A 139 11.25 -22.57 3.31
CA THR A 139 11.15 -21.12 3.39
C THR A 139 11.19 -20.76 4.89
N LEU A 140 12.19 -19.95 5.26
CA LEU A 140 12.34 -19.50 6.65
C LEU A 140 11.58 -18.18 6.74
N VAL A 141 10.76 -18.08 7.79
CA VAL A 141 9.82 -16.99 8.00
C VAL A 141 10.32 -16.09 9.12
N CYS A 142 10.39 -14.79 8.85
CA CYS A 142 10.73 -13.84 9.91
C CYS A 142 9.68 -12.74 9.98
N LEU A 143 8.94 -12.68 11.09
CA LEU A 143 7.84 -11.72 11.19
C LEU A 143 8.22 -10.68 12.22
N ILE A 144 8.02 -9.41 11.89
CA ILE A 144 8.58 -8.29 12.64
C ILE A 144 7.43 -7.35 12.97
N SER A 145 7.18 -7.17 14.27
CA SER A 145 5.94 -6.52 14.67
C SER A 145 6.20 -5.54 15.78
N ASN A 146 5.17 -4.75 16.12
CA ASN A 146 5.17 -3.85 17.29
C ASN A 146 6.28 -2.81 17.24
N PHE A 147 6.64 -2.32 16.06
CA PHE A 147 7.71 -1.35 16.05
C PHE A 147 7.30 0.03 15.50
N SER A 148 7.95 1.08 16.01
CA SER A 148 7.84 2.46 15.47
C SER A 148 9.12 3.26 15.75
N PRO A 149 9.49 4.18 14.83
CA PRO A 149 8.76 4.46 13.60
C PRO A 149 8.87 3.35 12.54
N SER A 150 8.25 3.62 11.39
CA SER A 150 8.38 2.86 10.15
C SER A 150 9.81 2.54 9.84
N GLY A 151 10.04 1.40 9.23
CA GLY A 151 11.30 1.23 8.55
C GLY A 151 12.32 0.45 9.31
N VAL A 152 12.55 -0.76 8.83
CA VAL A 152 13.57 -1.62 9.36
C VAL A 152 14.42 -2.08 8.17
N THR A 153 15.66 -2.47 8.42
CA THR A 153 16.41 -3.26 7.43
C THR A 153 16.67 -4.66 7.96
N VAL A 154 16.46 -5.66 7.12
CA VAL A 154 16.66 -7.03 7.61
C VAL A 154 17.73 -7.81 6.83
N ALA A 155 18.56 -8.53 7.56
CA ALA A 155 19.56 -9.43 6.96
C ALA A 155 19.41 -10.82 7.52
N TRP A 156 19.60 -11.82 6.68
CA TRP A 156 19.73 -13.17 7.12
C TRP A 156 21.20 -13.53 7.18
N LYS A 157 21.52 -14.38 8.14
CA LYS A 157 22.79 -15.06 8.31
C LYS A 157 22.53 -16.56 8.23
N ALA A 158 23.50 -17.28 7.69
CA ALA A 158 23.62 -18.75 7.71
C ALA A 158 24.88 -18.96 8.56
N ASN A 159 24.79 -19.80 9.59
CA ASN A 159 25.90 -20.02 10.49
C ASN A 159 26.54 -18.68 10.91
N GLY A 160 25.76 -17.75 11.44
CA GLY A 160 26.34 -16.54 12.01
C GLY A 160 27.06 -15.62 11.04
N THR A 161 27.03 -15.95 9.74
CA THR A 161 27.57 -15.06 8.70
C THR A 161 26.52 -14.75 7.60
N PRO A 162 26.55 -13.54 7.01
CA PRO A 162 25.40 -13.06 6.19
C PRO A 162 25.17 -13.70 4.80
N ILE A 163 23.98 -13.47 4.22
CA ILE A 163 23.57 -13.98 2.89
C ILE A 163 22.45 -13.18 2.19
N THR A 164 22.21 -13.43 0.88
CA THR A 164 21.33 -12.58 0.04
C THR A 164 19.90 -13.07 -0.37
N GLN A 165 19.80 -14.25 -1.00
CA GLN A 165 18.50 -14.91 -1.42
C GLN A 165 17.14 -14.72 -0.64
N GLY A 166 17.04 -13.69 0.20
CA GLY A 166 15.87 -13.53 1.06
C GLY A 166 15.40 -12.11 1.27
N VAL A 167 14.51 -11.63 0.39
CA VAL A 167 14.02 -10.24 0.51
C VAL A 167 12.68 -10.08 1.29
N ASP A 168 12.35 -8.83 1.57
CA ASP A 168 11.27 -8.45 2.49
C ASP A 168 10.54 -7.17 2.12
N THR A 169 9.67 -6.77 3.03
CA THR A 169 8.79 -5.64 2.80
C THR A 169 9.35 -4.29 3.25
N SER A 170 8.92 -3.28 2.52
CA SER A 170 8.44 -2.01 3.08
C SER A 170 7.65 -2.28 4.37
N ASN A 171 7.70 -1.33 5.30
CA ASN A 171 7.57 -1.67 6.71
C ASN A 171 6.36 -1.08 7.47
N PRO A 172 5.12 -1.25 6.95
CA PRO A 172 3.99 -0.48 7.49
C PRO A 172 2.81 -1.20 8.20
N THR A 173 2.20 -0.48 9.16
CA THR A 173 0.72 -0.34 9.31
C THR A 173 0.43 1.04 9.93
N LYS A 174 0.42 2.09 9.09
CA LYS A 174 0.31 3.50 9.54
C LYS A 174 -0.89 3.79 10.48
N LYS A 175 -1.88 2.90 10.47
CA LYS A 175 -2.94 2.85 11.50
C LYS A 175 -2.41 2.25 12.84
N GLY A 176 -3.29 1.63 13.66
CA GLY A 176 -2.93 1.29 15.05
C GLY A 176 -1.97 2.38 15.50
N ASN A 177 -0.84 1.97 16.06
CA ASN A 177 0.29 2.89 16.23
CA ASN A 177 0.29 2.85 16.35
C ASN A 177 1.55 2.32 15.63
N LYS A 178 1.63 1.00 15.58
CA LYS A 178 2.84 0.30 15.22
C LYS A 178 2.89 -0.16 13.79
N PHE A 179 4.02 -0.76 13.42
CA PHE A 179 4.24 -1.15 12.05
C PHE A 179 4.56 -2.65 11.98
N MET A 180 4.36 -3.27 10.81
CA MET A 180 4.79 -4.65 10.63
C MET A 180 5.53 -4.90 9.34
N ALA A 181 6.42 -5.90 9.37
CA ALA A 181 7.22 -6.22 8.18
C ALA A 181 7.54 -7.69 8.26
N SER A 182 8.06 -8.24 7.18
CA SER A 182 8.42 -9.62 7.24
C SER A 182 9.48 -9.84 6.21
N SER A 183 10.17 -10.97 6.35
CA SER A 183 11.19 -11.38 5.41
C SER A 183 11.13 -12.91 5.33
N PHE A 184 11.40 -13.43 4.13
CA PHE A 184 11.39 -14.84 3.86
C PHE A 184 12.70 -15.23 3.20
N LEU A 185 13.33 -16.27 3.71
CA LEU A 185 14.56 -16.76 3.08
C LEU A 185 14.18 -18.08 2.36
N HIS A 186 14.22 -18.08 1.03
CA HIS A 186 13.78 -19.22 0.22
C HIS A 186 14.94 -20.23 0.03
N LEU A 187 14.93 -21.35 0.71
CA LEU A 187 16.02 -22.31 0.63
C LEU A 187 15.52 -23.60 0.00
N THR A 188 16.43 -24.49 -0.38
CA THR A 188 16.06 -25.90 -0.62
C THR A 188 16.10 -26.59 0.73
N SER A 189 15.49 -27.77 0.82
CA SER A 189 15.49 -28.58 2.05
C SER A 189 16.91 -29.03 2.43
N ASP A 190 17.73 -29.34 1.41
CA ASP A 190 19.18 -29.65 1.66
C ASP A 190 19.93 -28.47 2.28
N GLN A 191 19.75 -27.26 1.76
CA GLN A 191 20.34 -26.08 2.38
C GLN A 191 19.89 -25.83 3.81
N TRP A 192 18.58 -25.87 4.07
CA TRP A 192 18.08 -25.90 5.45
C TRP A 192 18.83 -26.88 6.35
N ARG A 193 18.87 -28.15 5.96
CA ARG A 193 19.45 -29.20 6.83
C ARG A 193 20.96 -29.14 7.02
N SER A 194 21.67 -28.45 6.15
CA SER A 194 23.12 -28.55 6.11
C SER A 194 23.79 -27.35 6.72
N HIS A 195 23.07 -26.58 7.56
CA HIS A 195 23.70 -25.51 8.36
C HIS A 195 23.37 -25.73 9.81
N GLN A 196 24.23 -25.26 10.69
CA GLN A 196 23.96 -25.28 12.12
C GLN A 196 22.86 -24.33 12.52
N SER A 197 22.80 -23.17 11.90
CA SER A 197 21.77 -22.20 12.28
C SER A 197 21.57 -21.23 11.14
N PHE A 198 20.47 -20.50 11.24
CA PHE A 198 20.15 -19.33 10.39
C PHE A 198 19.65 -18.27 11.36
N THR A 199 19.78 -17.01 10.99
CA THR A 199 19.42 -15.91 11.86
C THR A 199 18.78 -14.82 11.05
N CYS A 200 17.62 -14.38 11.53
CA CYS A 200 16.95 -13.20 11.02
C CYS A 200 17.42 -12.03 11.88
N GLN A 201 18.08 -11.06 11.26
CA GLN A 201 18.65 -9.92 12.00
C GLN A 201 17.95 -8.66 11.51
N VAL A 202 17.34 -7.89 12.42
CA VAL A 202 16.64 -6.68 12.01
C VAL A 202 17.28 -5.42 12.61
N THR A 203 17.55 -4.40 11.80
CA THR A 203 18.02 -3.11 12.31
C THR A 203 16.89 -2.10 12.24
N HIS A 204 16.67 -1.40 13.34
CA HIS A 204 15.60 -0.39 13.38
C HIS A 204 16.17 0.89 13.97
N GLU A 205 16.31 1.92 13.14
CA GLU A 205 16.82 3.20 13.57
C GLU A 205 18.14 2.97 14.30
N GLY A 206 18.99 2.14 13.71
CA GLY A 206 20.32 1.83 14.29
C GLY A 206 20.40 0.84 15.45
N ASP A 207 19.29 0.29 15.92
CA ASP A 207 19.36 -0.82 16.90
C ASP A 207 19.00 -2.13 16.20
N THR A 208 19.76 -3.18 16.44
CA THR A 208 19.40 -4.43 15.80
C THR A 208 18.97 -5.46 16.84
N VAL A 209 18.07 -6.36 16.42
CA VAL A 209 17.55 -7.44 17.24
C VAL A 209 17.58 -8.71 16.34
N GLU A 210 17.59 -9.90 16.92
CA GLU A 210 17.79 -11.09 16.10
C GLU A 210 17.21 -12.33 16.72
N LYS A 211 16.83 -13.29 15.87
CA LYS A 211 16.36 -14.57 16.34
C LYS A 211 16.81 -15.63 15.39
N SER A 212 17.16 -16.80 15.92
CA SER A 212 17.75 -17.87 15.10
C SER A 212 16.86 -19.08 14.95
N LEU A 213 17.12 -19.88 13.92
CA LEU A 213 16.36 -21.09 13.72
C LEU A 213 17.42 -22.13 13.58
N SER A 214 17.17 -23.30 14.15
CA SER A 214 18.14 -24.37 14.03
CA SER A 214 18.13 -24.39 14.16
C SER A 214 17.52 -25.64 13.49
N PRO A 215 18.10 -26.12 12.40
CA PRO A 215 17.73 -27.39 11.75
C PRO A 215 17.75 -28.58 12.71
N ALA A 216 18.67 -28.59 13.69
CA ALA A 216 18.76 -29.70 14.68
C ALA A 216 17.51 -29.78 15.56
N LEU A 217 16.77 -28.68 15.62
CA LEU A 217 15.69 -28.49 16.58
C LEU A 217 14.53 -29.45 16.28
N ARG A 218 14.23 -29.64 15.00
CA ARG A 218 13.12 -30.49 14.52
C ARG A 218 13.53 -31.47 13.40
N GLN B 1 -19.18 12.24 4.08
CA GLN B 1 -20.24 11.47 3.37
C GLN B 1 -20.08 11.41 1.81
N ILE B 2 -19.31 12.31 1.20
CA ILE B 2 -18.93 12.08 -0.22
C ILE B 2 -17.98 10.87 -0.25
N GLN B 3 -18.38 9.82 -0.95
CA GLN B 3 -17.54 8.66 -1.11
C GLN B 3 -17.44 8.24 -2.56
N LEU B 4 -16.23 7.85 -3.00
CA LEU B 4 -16.03 7.28 -4.35
C LEU B 4 -15.35 5.93 -4.19
N VAL B 5 -16.08 4.87 -4.54
CA VAL B 5 -15.59 3.51 -4.32
C VAL B 5 -15.31 2.78 -5.64
N GLN B 6 -14.03 2.48 -5.86
CA GLN B 6 -13.62 1.87 -7.12
C GLN B 6 -13.60 0.34 -7.09
N SER B 7 -13.64 -0.29 -8.26
CA SER B 7 -13.61 -1.72 -8.32
C SER B 7 -12.18 -2.21 -8.06
N GLY B 8 -12.02 -3.53 -7.88
CA GLY B 8 -10.76 -4.14 -7.43
C GLY B 8 -9.69 -4.26 -8.51
N PRO B 9 -8.47 -4.70 -8.13
CA PRO B 9 -7.34 -4.77 -9.06
C PRO B 9 -7.56 -5.64 -10.27
N GLU B 10 -6.92 -5.31 -11.38
CA GLU B 10 -7.13 -6.08 -12.61
C GLU B 10 -5.80 -6.55 -13.12
N LEU B 11 -5.74 -7.78 -13.64
CA LEU B 11 -4.52 -8.23 -14.30
C LEU B 11 -4.90 -8.63 -15.73
N LYS B 12 -4.24 -8.04 -16.70
CA LYS B 12 -4.69 -8.14 -18.12
C LYS B 12 -3.47 -8.31 -19.03
N LYS B 13 -3.59 -9.12 -20.08
CA LYS B 13 -2.53 -9.22 -21.11
C LYS B 13 -2.54 -8.00 -22.03
N PRO B 14 -1.36 -7.61 -22.57
CA PRO B 14 -1.31 -6.65 -23.67
C PRO B 14 -2.36 -6.95 -24.77
N GLY B 15 -2.98 -5.91 -25.31
CA GLY B 15 -3.99 -6.10 -26.36
C GLY B 15 -5.43 -6.22 -25.85
N GLU B 16 -5.56 -6.60 -24.59
CA GLU B 16 -6.87 -6.88 -24.01
C GLU B 16 -7.57 -5.59 -23.62
N THR B 17 -8.77 -5.74 -23.08
CA THR B 17 -9.57 -4.61 -22.60
C THR B 17 -9.86 -4.75 -21.11
N VAL B 18 -10.03 -3.60 -20.46
CA VAL B 18 -10.43 -3.60 -19.08
C VAL B 18 -11.46 -2.46 -18.89
N LYS B 19 -12.43 -2.68 -18.02
CA LYS B 19 -13.41 -1.66 -17.66
C LYS B 19 -13.53 -1.58 -16.12
N ILE B 20 -13.25 -0.43 -15.55
CA ILE B 20 -13.28 -0.31 -14.10
C ILE B 20 -14.38 0.65 -13.73
N SER B 21 -14.84 0.55 -12.48
CA SER B 21 -16.06 1.30 -12.08
C SER B 21 -15.71 2.20 -10.91
N CYS B 22 -16.45 3.32 -10.79
CA CYS B 22 -16.28 4.21 -9.67
C CYS B 22 -17.67 4.55 -9.15
N LYS B 23 -18.03 4.04 -8.00
CA LYS B 23 -19.38 4.29 -7.50
C LYS B 23 -19.42 5.44 -6.53
N ALA B 24 -20.29 6.42 -6.81
CA ALA B 24 -20.32 7.64 -6.06
C ALA B 24 -21.49 7.64 -5.10
N SER B 25 -21.26 8.15 -3.89
CA SER B 25 -22.38 8.30 -2.97
C SER B 25 -22.21 9.56 -2.17
N GLY B 26 -23.32 10.12 -1.71
CA GLY B 26 -23.24 11.22 -0.74
C GLY B 26 -23.48 12.56 -1.37
N TYR B 27 -23.85 12.57 -2.64
CA TYR B 27 -24.16 13.84 -3.32
C TYR B 27 -24.97 13.45 -4.54
N THR B 28 -25.44 14.45 -5.29
CA THR B 28 -26.19 14.26 -6.52
C THR B 28 -25.29 14.03 -7.75
N PHE B 29 -25.32 12.80 -8.25
CA PHE B 29 -24.23 12.28 -9.10
C PHE B 29 -24.09 13.17 -10.34
N THR B 30 -25.24 13.60 -10.81
CA THR B 30 -25.40 14.30 -12.04
C THR B 30 -25.01 15.82 -11.96
N THR B 31 -24.65 16.27 -10.76
CA THR B 31 -24.34 17.67 -10.47
C THR B 31 -22.86 18.01 -10.66
N TYR B 32 -21.98 17.02 -10.48
CA TYR B 32 -20.56 17.22 -10.66
C TYR B 32 -19.98 16.25 -11.67
N GLY B 33 -19.03 16.75 -12.44
CA GLY B 33 -18.38 15.92 -13.49
C GLY B 33 -17.43 14.93 -12.81
N MET B 34 -17.11 13.84 -13.51
CA MET B 34 -16.14 12.90 -12.92
C MET B 34 -14.85 12.93 -13.76
N SER B 35 -13.74 13.23 -13.09
CA SER B 35 -12.41 13.08 -13.66
C SER B 35 -11.76 11.70 -13.47
N TRP B 36 -10.77 11.40 -14.31
CA TRP B 36 -9.93 10.21 -14.12
C TRP B 36 -8.47 10.63 -14.13
N VAL B 37 -7.69 10.03 -13.24
CA VAL B 37 -6.32 10.40 -13.05
C VAL B 37 -5.50 9.08 -13.05
N LYS B 38 -4.40 9.07 -13.82
CA LYS B 38 -3.53 7.88 -13.88
C LYS B 38 -2.29 8.09 -13.04
N GLN B 39 -1.85 7.05 -12.32
CA GLN B 39 -0.51 7.06 -11.68
C GLN B 39 0.24 5.78 -11.94
N ALA B 40 1.18 5.87 -12.87
CA ALA B 40 1.97 4.73 -13.34
C ALA B 40 3.12 4.56 -12.33
N PRO B 41 3.61 3.32 -12.14
CA PRO B 41 4.66 3.15 -11.12
C PRO B 41 5.86 4.04 -11.48
N GLY B 42 6.39 4.74 -10.48
CA GLY B 42 7.50 5.70 -10.69
C GLY B 42 7.18 6.97 -11.48
N LYS B 43 5.89 7.29 -11.65
CA LYS B 43 5.54 8.55 -12.24
C LYS B 43 4.60 9.31 -11.32
N GLY B 44 4.37 10.57 -11.60
CA GLY B 44 3.43 11.34 -10.76
C GLY B 44 2.03 11.16 -11.33
N PHE B 45 1.05 11.87 -10.76
CA PHE B 45 -0.31 11.90 -11.27
C PHE B 45 -0.38 12.48 -12.69
N GLU B 46 -1.16 11.85 -13.56
CA GLU B 46 -1.52 12.44 -14.83
C GLU B 46 -3.05 12.55 -15.00
N TRP B 47 -3.59 13.78 -15.12
CA TRP B 47 -5.02 13.92 -15.41
C TRP B 47 -5.36 13.34 -16.82
N MET B 48 -6.45 12.58 -16.95
CA MET B 48 -6.79 11.96 -18.20
C MET B 48 -7.86 12.73 -18.95
N GLY B 49 -8.57 13.60 -18.23
CA GLY B 49 -9.85 14.19 -18.73
C GLY B 49 -11.02 13.94 -17.80
N TRP B 50 -12.23 14.26 -18.24
CA TRP B 50 -13.40 14.11 -17.38
C TRP B 50 -14.62 13.84 -18.24
N ILE B 51 -15.70 13.44 -17.57
CA ILE B 51 -16.97 13.24 -18.20
C ILE B 51 -18.03 14.08 -17.50
N ASN B 52 -18.78 14.81 -18.29
CA ASN B 52 -19.90 15.61 -17.81
C ASN B 52 -21.05 14.67 -17.50
N THR B 53 -21.36 14.56 -16.22
CA THR B 53 -22.32 13.55 -15.82
C THR B 53 -23.77 13.94 -16.14
N TYR B 54 -24.01 15.18 -16.57
CA TYR B 54 -25.35 15.59 -17.03
C TYR B 54 -25.50 15.32 -18.54
N SER B 55 -24.57 15.88 -19.28
CA SER B 55 -24.66 15.85 -20.73
C SER B 55 -24.19 14.52 -21.30
N GLY B 56 -23.37 13.80 -20.53
CA GLY B 56 -22.75 12.55 -20.95
C GLY B 56 -21.51 12.74 -21.81
N VAL B 57 -21.09 13.99 -22.01
CA VAL B 57 -20.01 14.28 -22.95
C VAL B 57 -18.66 14.23 -22.23
N PRO B 58 -17.72 13.41 -22.74
CA PRO B 58 -16.36 13.32 -22.17
C PRO B 58 -15.39 14.20 -22.90
N THR B 59 -14.36 14.62 -22.19
CA THR B 59 -13.29 15.39 -22.75
C THR B 59 -11.99 14.64 -22.33
N TYR B 60 -11.15 14.31 -23.33
CA TYR B 60 -9.90 13.60 -23.11
C TYR B 60 -8.72 14.53 -23.37
N VAL B 61 -7.76 14.52 -22.43
CA VAL B 61 -6.41 15.03 -22.69
C VAL B 61 -5.78 14.26 -23.88
N ASP B 62 -4.96 14.94 -24.70
CA ASP B 62 -4.36 14.32 -25.93
C ASP B 62 -3.69 12.95 -25.73
N ASP B 63 -2.96 12.78 -24.64
CA ASP B 63 -2.40 11.48 -24.31
C ASP B 63 -3.44 10.33 -24.28
N PHE B 64 -4.71 10.64 -24.01
CA PHE B 64 -5.73 9.58 -23.81
C PHE B 64 -6.86 9.54 -24.87
N LYS B 65 -6.52 9.98 -26.08
CA LYS B 65 -7.41 9.94 -27.24
C LYS B 65 -7.34 8.54 -27.76
N GLY B 66 -8.38 8.05 -28.42
CA GLY B 66 -8.22 6.82 -29.20
C GLY B 66 -8.72 5.56 -28.54
N ARG B 67 -8.18 5.18 -27.38
CA ARG B 67 -8.55 3.87 -26.81
C ARG B 67 -9.18 3.87 -25.38
N PHE B 68 -9.49 5.06 -24.90
CA PHE B 68 -10.04 5.24 -23.56
C PHE B 68 -11.47 5.75 -23.71
N ALA B 69 -12.40 5.11 -23.02
CA ALA B 69 -13.78 5.54 -22.97
C ALA B 69 -14.32 5.72 -21.55
N PHE B 70 -14.69 6.97 -21.23
CA PHE B 70 -15.45 7.27 -20.03
C PHE B 70 -16.93 7.07 -20.38
N SER B 71 -17.66 6.39 -19.51
CA SER B 71 -19.12 6.25 -19.69
C SER B 71 -19.81 6.38 -18.32
N LEU B 72 -21.13 6.38 -18.31
CA LEU B 72 -21.90 6.54 -17.07
C LEU B 72 -23.00 5.48 -17.05
N GLU B 73 -23.38 5.06 -15.85
CA GLU B 73 -24.75 4.52 -15.55
C GLU B 73 -25.32 5.44 -14.49
N THR B 74 -26.06 6.45 -14.89
CA THR B 74 -26.39 7.49 -13.92
C THR B 74 -27.40 6.95 -12.91
N SER B 75 -28.21 5.99 -13.34
CA SER B 75 -29.18 5.37 -12.46
C SER B 75 -28.49 4.64 -11.30
N ALA B 76 -27.26 4.14 -11.50
CA ALA B 76 -26.50 3.56 -10.37
C ALA B 76 -25.40 4.49 -9.79
N SER B 77 -25.47 5.77 -10.14
CA SER B 77 -24.47 6.73 -9.70
C SER B 77 -23.05 6.17 -9.87
N THR B 78 -22.74 5.69 -11.07
CA THR B 78 -21.46 5.02 -11.32
C THR B 78 -20.83 5.54 -12.60
N ALA B 79 -19.55 5.87 -12.50
CA ALA B 79 -18.76 6.21 -13.66
C ALA B 79 -17.86 5.03 -14.05
N TYR B 80 -17.61 4.87 -15.34
CA TYR B 80 -16.76 3.77 -15.78
C TYR B 80 -15.61 4.25 -16.61
N LEU B 81 -14.49 3.56 -16.52
CA LEU B 81 -13.42 3.81 -17.47
C LEU B 81 -13.06 2.51 -18.16
N GLN B 82 -13.09 2.53 -19.49
CA GLN B 82 -12.68 1.38 -20.24
C GLN B 82 -11.39 1.71 -20.99
N ILE B 83 -10.42 0.81 -20.89
CA ILE B 83 -9.16 0.99 -21.59
C ILE B 83 -9.04 -0.19 -22.54
N ASN B 84 -8.88 0.12 -23.82
CA ASN B 84 -8.80 -0.88 -24.88
C ASN B 84 -7.36 -1.08 -25.43
N ASN B 85 -7.09 -2.22 -26.04
CA ASN B 85 -5.81 -2.52 -26.62
C ASN B 85 -4.70 -2.14 -25.63
N LEU B 86 -4.79 -2.72 -24.45
CA LEU B 86 -3.88 -2.43 -23.36
C LEU B 86 -2.43 -2.58 -23.74
N LYS B 87 -1.64 -1.62 -23.24
CA LYS B 87 -0.22 -1.48 -23.48
C LYS B 87 0.48 -1.64 -22.16
N ASN B 88 1.75 -2.05 -22.23
CA ASN B 88 2.58 -2.15 -21.02
C ASN B 88 2.54 -0.83 -20.22
N GLU B 89 2.59 0.30 -20.95
CA GLU B 89 2.65 1.60 -20.32
C GLU B 89 1.29 1.99 -19.70
N ASP B 90 0.24 1.20 -19.89
CA ASP B 90 -1.06 1.46 -19.19
C ASP B 90 -1.03 0.92 -17.76
N THR B 91 -0.01 0.13 -17.41
CA THR B 91 0.09 -0.34 -16.01
C THR B 91 0.13 0.84 -15.05
N ALA B 92 -0.85 0.95 -14.14
CA ALA B 92 -1.00 2.14 -13.33
C ALA B 92 -2.11 1.93 -12.34
N VAL B 93 -2.15 2.78 -11.35
CA VAL B 93 -3.35 2.96 -10.56
C VAL B 93 -4.17 4.07 -11.23
N TYR B 94 -5.45 3.80 -11.49
CA TYR B 94 -6.40 4.77 -12.03
C TYR B 94 -7.34 5.25 -10.92
N PHE B 95 -7.38 6.55 -10.68
CA PHE B 95 -8.31 7.12 -9.69
C PHE B 95 -9.45 7.84 -10.41
N CYS B 96 -10.65 7.76 -9.87
CA CYS B 96 -11.67 8.74 -10.29
C CYS B 96 -11.63 9.83 -9.26
N ALA B 97 -12.02 11.03 -9.63
CA ALA B 97 -12.03 12.11 -8.68
C ALA B 97 -13.09 13.09 -9.14
N ARG B 98 -13.82 13.70 -8.20
CA ARG B 98 -14.78 14.69 -8.65
C ARG B 98 -14.48 16.09 -8.19
N GLY B 99 -15.08 17.06 -8.88
CA GLY B 99 -14.83 18.46 -8.54
C GLY B 99 -15.51 19.01 -7.30
N GLY B 100 -15.33 20.32 -7.08
CA GLY B 100 -16.18 21.11 -6.23
C GLY B 100 -16.90 22.20 -7.05
N ASN B 101 -17.48 23.20 -6.38
CA ASN B 101 -17.00 23.69 -5.06
C ASN B 101 -16.08 24.89 -5.27
N ASN B 102 -16.54 25.90 -6.02
CA ASN B 102 -15.73 27.08 -6.34
C ASN B 102 -14.65 26.80 -7.38
N PHE B 103 -15.01 26.04 -8.42
CA PHE B 103 -14.10 25.65 -9.50
C PHE B 103 -12.95 24.73 -9.03
N LEU B 104 -13.10 24.07 -7.88
CA LEU B 104 -12.20 22.97 -7.49
C LEU B 104 -12.41 21.78 -8.46
N TRP B 105 -11.32 21.21 -8.95
CA TRP B 105 -11.48 20.12 -9.92
C TRP B 105 -11.24 18.71 -9.33
N PHE B 106 -10.60 18.63 -8.14
CA PHE B 106 -10.27 17.32 -7.50
C PHE B 106 -10.46 17.30 -5.99
N ALA B 107 -11.70 17.57 -5.55
CA ALA B 107 -12.10 17.70 -4.13
C ALA B 107 -12.26 16.37 -3.42
N TYR B 108 -12.69 15.35 -4.17
CA TYR B 108 -12.96 14.03 -3.65
C TYR B 108 -12.36 12.99 -4.57
N TRP B 109 -11.68 11.98 -4.03
CA TRP B 109 -11.04 10.97 -4.87
C TRP B 109 -11.52 9.58 -4.52
N GLY B 110 -11.51 8.68 -5.50
CA GLY B 110 -11.57 7.26 -5.18
C GLY B 110 -10.27 6.74 -4.62
N GLN B 111 -10.29 5.47 -4.17
CA GLN B 111 -9.12 4.80 -3.57
C GLN B 111 -8.17 4.26 -4.64
N GLY B 112 -8.63 4.28 -5.88
CA GLY B 112 -7.79 3.84 -6.98
C GLY B 112 -7.96 2.41 -7.34
N THR B 113 -7.76 2.12 -8.63
CA THR B 113 -7.79 0.72 -9.13
C THR B 113 -6.50 0.45 -9.89
N LEU B 114 -5.72 -0.51 -9.39
CA LEU B 114 -4.55 -1.00 -10.09
C LEU B 114 -4.93 -1.86 -11.28
N VAL B 115 -4.44 -1.47 -12.46
CA VAL B 115 -4.52 -2.27 -13.63
C VAL B 115 -3.07 -2.67 -13.96
N THR B 116 -2.77 -3.95 -13.81
CA THR B 116 -1.48 -4.49 -14.25
C THR B 116 -1.62 -5.10 -15.65
N VAL B 117 -0.90 -4.55 -16.62
CA VAL B 117 -0.85 -5.11 -17.95
C VAL B 117 0.42 -6.03 -18.06
N SER B 118 0.20 -7.33 -18.14
CA SER B 118 1.35 -8.26 -18.08
C SER B 118 0.98 -9.58 -18.71
N ALA B 119 1.97 -10.32 -19.19
CA ALA B 119 1.75 -11.69 -19.63
C ALA B 119 1.91 -12.70 -18.48
N ALA B 120 2.28 -12.23 -17.29
CA ALA B 120 2.38 -13.14 -16.11
C ALA B 120 1.07 -13.85 -15.85
N LYS B 121 1.13 -15.14 -15.53
CA LYS B 121 -0.09 -15.87 -15.29
C LYS B 121 -0.56 -15.77 -13.84
N THR B 122 -1.85 -15.87 -13.64
CA THR B 122 -2.41 -15.97 -12.32
C THR B 122 -1.98 -17.30 -11.70
N THR B 123 -1.48 -17.25 -10.44
CA THR B 123 -0.84 -18.43 -9.81
C THR B 123 -1.36 -18.50 -8.37
N PRO B 124 -2.07 -19.59 -7.99
CA PRO B 124 -2.67 -19.68 -6.65
C PRO B 124 -1.54 -20.04 -5.66
N PRO B 125 -1.77 -19.76 -4.38
CA PRO B 125 -0.78 -19.92 -3.33
C PRO B 125 -0.68 -21.36 -2.84
N SER B 126 0.50 -21.76 -2.43
CA SER B 126 0.66 -22.96 -1.61
C SER B 126 0.60 -22.51 -0.18
N VAL B 127 -0.22 -23.15 0.64
CA VAL B 127 -0.44 -22.74 2.04
C VAL B 127 0.15 -23.81 2.98
N TYR B 128 1.03 -23.42 3.89
CA TYR B 128 1.63 -24.36 4.86
C TYR B 128 1.34 -23.92 6.29
N PRO B 129 1.11 -24.89 7.18
CA PRO B 129 0.93 -24.63 8.59
C PRO B 129 2.28 -24.43 9.27
N LEU B 130 2.33 -23.45 10.17
CA LEU B 130 3.57 -23.12 10.90
C LEU B 130 3.21 -23.41 12.37
N ALA B 131 3.74 -24.52 12.87
CA ALA B 131 3.26 -25.05 14.16
C ALA B 131 4.44 -25.54 15.00
N PRO B 132 4.42 -25.24 16.32
CA PRO B 132 5.47 -25.87 17.11
C PRO B 132 5.34 -27.38 17.16
N GLY B 133 6.44 -28.03 17.58
CA GLY B 133 6.62 -29.47 17.46
C GLY B 133 5.72 -30.35 18.32
N SER B 134 5.42 -29.90 19.52
CA SER B 134 4.36 -30.51 20.32
CA SER B 134 4.42 -30.52 20.38
C SER B 134 3.66 -29.39 21.06
N ALA B 135 2.75 -29.75 21.98
CA ALA B 135 2.18 -28.78 22.90
C ALA B 135 3.34 -28.20 23.73
N ALA B 136 3.25 -26.92 24.06
CA ALA B 136 4.41 -26.23 24.64
C ALA B 136 4.48 -26.50 26.14
N GLN B 137 5.33 -25.75 26.82
CA GLN B 137 5.47 -25.88 28.27
C GLN B 137 4.22 -25.31 28.94
N THR B 138 3.90 -25.79 30.12
CA THR B 138 2.72 -25.30 30.83
C THR B 138 2.81 -23.78 31.05
N ASN B 139 1.66 -23.09 31.02
CA ASN B 139 1.61 -21.66 31.31
C ASN B 139 2.43 -20.82 30.36
N SER B 140 2.42 -21.18 29.07
CA SER B 140 3.08 -20.37 28.06
C SER B 140 2.11 -19.83 26.99
N MET B 141 2.61 -18.91 26.17
CA MET B 141 1.88 -18.50 24.98
C MET B 141 2.48 -19.24 23.77
N VAL B 142 1.61 -19.71 22.89
CA VAL B 142 2.00 -20.47 21.68
C VAL B 142 1.81 -19.57 20.48
N THR B 143 2.78 -19.51 19.56
CA THR B 143 2.55 -18.77 18.33
C THR B 143 2.40 -19.73 17.17
N LEU B 144 1.26 -19.63 16.49
CA LEU B 144 1.01 -20.43 15.28
C LEU B 144 1.02 -19.53 14.02
N GLY B 145 1.15 -20.15 12.85
CA GLY B 145 1.20 -19.36 11.64
C GLY B 145 0.69 -20.13 10.43
N CYS B 146 0.44 -19.39 9.36
CA CYS B 146 0.33 -19.95 8.04
C CYS B 146 1.27 -19.25 7.09
N LEU B 147 1.89 -20.00 6.20
CA LEU B 147 2.71 -19.44 5.17
C LEU B 147 1.92 -19.52 3.89
N VAL B 148 1.78 -18.38 3.22
CA VAL B 148 0.99 -18.33 1.99
C VAL B 148 1.99 -18.00 0.85
N LYS B 149 2.35 -19.00 0.06
CA LYS B 149 3.58 -18.90 -0.75
C LYS B 149 3.29 -18.91 -2.26
N GLY B 150 3.89 -17.96 -2.96
CA GLY B 150 4.03 -18.04 -4.42
C GLY B 150 2.79 -17.75 -5.22
N TYR B 151 2.10 -16.70 -4.86
CA TYR B 151 0.86 -16.42 -5.56
C TYR B 151 1.01 -15.19 -6.42
N PHE B 152 0.10 -15.04 -7.36
CA PHE B 152 0.11 -13.86 -8.23
C PHE B 152 -1.23 -13.70 -8.92
N PRO B 153 -1.79 -12.46 -8.98
CA PRO B 153 -1.32 -11.18 -8.43
C PRO B 153 -1.86 -11.04 -7.00
N GLU B 154 -1.63 -9.90 -6.35
CA GLU B 154 -2.32 -9.62 -5.09
C GLU B 154 -3.79 -9.33 -5.29
N PRO B 155 -4.59 -9.50 -4.22
CA PRO B 155 -4.18 -9.90 -2.86
C PRO B 155 -4.60 -11.34 -2.47
N VAL B 156 -4.21 -11.80 -1.27
CA VAL B 156 -4.94 -12.87 -0.58
C VAL B 156 -5.56 -12.23 0.65
N THR B 157 -6.58 -12.86 1.22
CA THR B 157 -7.07 -12.46 2.52
C THR B 157 -6.88 -13.64 3.47
N VAL B 158 -6.61 -13.37 4.75
CA VAL B 158 -6.42 -14.47 5.70
C VAL B 158 -7.31 -14.21 6.90
N THR B 159 -8.01 -15.25 7.34
CA THR B 159 -8.64 -15.21 8.68
C THR B 159 -8.28 -16.47 9.45
N TRP B 160 -8.65 -16.51 10.73
CA TRP B 160 -8.39 -17.66 11.58
C TRP B 160 -9.71 -18.07 12.22
N ASN B 161 -9.97 -19.36 12.28
CA ASN B 161 -11.30 -19.85 12.68
C ASN B 161 -12.47 -19.09 12.07
N SER B 162 -12.34 -18.80 10.78
CA SER B 162 -13.36 -18.11 10.00
C SER B 162 -13.64 -16.68 10.40
N GLY B 163 -12.65 -16.03 11.02
CA GLY B 163 -12.85 -14.70 11.57
C GLY B 163 -13.12 -14.67 13.07
N SER B 164 -13.50 -15.80 13.67
CA SER B 164 -13.84 -15.85 15.09
C SER B 164 -12.61 -15.71 16.00
N LEU B 165 -11.44 -16.12 15.49
CA LEU B 165 -10.18 -15.89 16.22
C LEU B 165 -9.54 -14.63 15.71
N SER B 166 -9.55 -13.55 16.51
CA SER B 166 -8.95 -12.26 16.09
C SER B 166 -7.92 -11.67 17.09
N SER B 167 -8.08 -12.00 18.36
CA SER B 167 -7.13 -11.54 19.37
C SER B 167 -5.65 -11.95 19.08
N GLY B 168 -5.41 -13.21 18.82
CA GLY B 168 -4.01 -13.53 18.43
C GLY B 168 -3.25 -12.79 17.31
N VAL B 169 -3.98 -12.11 16.42
CA VAL B 169 -3.65 -12.18 14.99
C VAL B 169 -2.86 -11.05 14.42
N HIS B 170 -1.90 -11.39 13.57
CA HIS B 170 -1.18 -10.40 12.78
C HIS B 170 -0.98 -10.97 11.40
N THR B 171 -1.47 -10.26 10.39
CA THR B 171 -1.28 -10.64 9.00
C THR B 171 -0.34 -9.63 8.35
N PHE B 172 0.82 -10.10 7.94
CA PHE B 172 1.90 -9.23 7.53
C PHE B 172 1.77 -8.86 6.04
N PRO B 173 2.31 -7.71 5.65
CA PRO B 173 2.27 -7.33 4.24
C PRO B 173 2.93 -8.40 3.32
N ALA B 174 2.41 -8.57 2.09
CA ALA B 174 3.03 -9.45 1.06
C ALA B 174 4.44 -9.00 0.64
N VAL B 175 5.31 -9.96 0.33
CA VAL B 175 6.63 -9.65 -0.19
C VAL B 175 6.69 -10.23 -1.60
N LEU B 176 7.17 -9.42 -2.53
CA LEU B 176 7.40 -9.82 -3.90
C LEU B 176 8.86 -10.27 -4.06
N GLN B 177 9.10 -11.51 -4.51
CA GLN B 177 10.43 -11.92 -4.99
CA GLN B 177 10.44 -11.97 -4.93
C GLN B 177 10.34 -12.99 -6.08
N SER B 178 11.26 -12.89 -7.06
CA SER B 178 11.02 -13.49 -8.40
C SER B 178 9.70 -12.89 -8.93
N ASP B 179 8.87 -13.66 -9.60
CA ASP B 179 7.63 -13.01 -10.12
CA ASP B 179 7.61 -13.23 -10.19
C ASP B 179 6.42 -13.21 -9.21
N LEU B 180 6.66 -13.60 -7.92
CA LEU B 180 5.57 -14.07 -7.04
C LEU B 180 5.50 -13.51 -5.63
N TYR B 181 4.29 -13.47 -5.06
CA TYR B 181 4.08 -12.99 -3.68
C TYR B 181 4.15 -14.10 -2.64
N THR B 182 4.67 -13.76 -1.46
CA THR B 182 4.59 -14.60 -0.28
C THR B 182 4.09 -13.77 0.90
N LEU B 183 3.27 -14.37 1.75
CA LEU B 183 2.76 -13.64 2.90
C LEU B 183 2.64 -14.61 4.05
N SER B 184 2.69 -14.10 5.29
CA SER B 184 2.44 -14.95 6.44
C SER B 184 1.46 -14.27 7.40
N SER B 185 0.64 -15.07 8.07
CA SER B 185 -0.15 -14.62 9.20
C SER B 185 0.25 -15.45 10.42
N SER B 186 0.22 -14.85 11.60
CA SER B 186 0.52 -15.55 12.84
C SER B 186 -0.60 -15.28 13.84
N VAL B 187 -0.75 -16.19 14.79
CA VAL B 187 -1.72 -16.01 15.89
C VAL B 187 -1.08 -16.62 17.16
N THR B 188 -1.15 -15.86 18.25
CA THR B 188 -0.51 -16.23 19.49
C THR B 188 -1.67 -16.55 20.40
N VAL B 189 -1.64 -17.74 21.00
CA VAL B 189 -2.74 -18.21 21.82
C VAL B 189 -2.19 -18.87 23.08
N PRO B 190 -3.00 -18.92 24.15
CA PRO B 190 -2.57 -19.56 25.39
C PRO B 190 -2.34 -21.05 25.27
N SER B 191 -1.24 -21.53 25.80
CA SER B 191 -0.91 -22.96 25.73
C SER B 191 -2.02 -23.91 26.16
N SER B 192 -2.92 -23.43 27.01
CA SER B 192 -4.11 -24.17 27.44
C SER B 192 -5.21 -24.27 26.37
N THR B 193 -5.10 -23.49 25.30
CA THR B 193 -6.20 -23.35 24.32
C THR B 193 -5.96 -24.19 23.07
N TRP B 194 -4.68 -24.45 22.78
CA TRP B 194 -4.26 -25.20 21.60
C TRP B 194 -3.13 -26.18 22.01
N PRO B 195 -3.18 -27.46 21.57
CA PRO B 195 -4.09 -27.99 20.55
C PRO B 195 -5.41 -28.55 21.03
N SER B 196 -5.75 -28.38 22.31
CA SER B 196 -7.03 -28.92 22.80
C SER B 196 -8.19 -28.45 21.93
N GLN B 197 -8.12 -27.18 21.51
CA GLN B 197 -9.14 -26.59 20.62
C GLN B 197 -8.53 -26.33 19.24
N THR B 198 -9.37 -26.46 18.23
CA THR B 198 -8.94 -26.38 16.82
C THR B 198 -8.62 -24.93 16.42
N VAL B 199 -7.53 -24.76 15.68
CA VAL B 199 -7.16 -23.47 15.13
C VAL B 199 -6.84 -23.74 13.67
N THR B 200 -7.49 -22.98 12.78
CA THR B 200 -7.39 -23.14 11.34
C THR B 200 -7.16 -21.78 10.68
N CYS B 201 -6.17 -21.67 9.78
CA CYS B 201 -6.10 -20.52 8.92
C CYS B 201 -6.90 -20.69 7.64
N ASN B 202 -7.55 -19.60 7.22
CA ASN B 202 -8.41 -19.66 6.04
C ASN B 202 -7.83 -18.64 5.07
N VAL B 203 -7.41 -19.10 3.89
CA VAL B 203 -6.70 -18.28 2.92
C VAL B 203 -7.49 -18.23 1.63
N ALA B 204 -7.92 -17.03 1.24
CA ALA B 204 -8.58 -16.88 -0.08
C ALA B 204 -7.68 -16.09 -1.10
N HIS B 205 -7.62 -16.57 -2.35
CA HIS B 205 -6.99 -15.85 -3.45
C HIS B 205 -8.07 -15.60 -4.51
N PRO B 206 -8.69 -14.41 -4.46
CA PRO B 206 -9.78 -14.24 -5.44
C PRO B 206 -9.50 -14.53 -6.95
N ALA B 207 -8.28 -14.83 -7.42
CA ALA B 207 -8.33 -15.91 -8.55
C ALA B 207 -8.10 -17.48 -8.48
N SER B 208 -9.11 -18.40 -8.26
CA SER B 208 -10.42 -18.31 -7.55
C SER B 208 -10.43 -19.42 -6.45
N SER B 209 -9.54 -19.30 -5.46
CA SER B 209 -9.25 -20.41 -4.61
C SER B 209 -9.43 -20.03 -3.14
N THR B 210 -9.72 -21.03 -2.31
CA THR B 210 -9.86 -20.87 -0.84
C THR B 210 -9.27 -22.12 -0.17
N LYS B 211 -8.27 -21.92 0.69
CA LYS B 211 -7.51 -23.00 1.30
C LYS B 211 -7.65 -22.84 2.80
N VAL B 212 -8.09 -23.92 3.43
CA VAL B 212 -8.22 -23.96 4.88
C VAL B 212 -7.11 -24.97 5.40
N ASP B 213 -6.45 -24.61 6.47
CA ASP B 213 -5.39 -25.47 6.98
C ASP B 213 -5.47 -25.47 8.51
N LYS B 214 -5.84 -26.61 9.07
CA LYS B 214 -5.88 -26.83 10.51
C LYS B 214 -4.42 -26.92 10.99
N LYS B 215 -4.08 -26.18 12.05
CA LYS B 215 -2.72 -26.24 12.55
C LYS B 215 -2.65 -27.35 13.57
N ILE B 216 -1.80 -28.33 13.34
CA ILE B 216 -1.59 -29.36 14.34
C ILE B 216 -0.12 -29.45 14.67
N VAL B 217 0.16 -30.01 15.85
CA VAL B 217 1.54 -30.25 16.27
C VAL B 217 2.35 -31.08 15.24
N PRO B 218 3.57 -30.62 14.87
CA PRO B 218 4.44 -31.28 13.90
C PRO B 218 5.01 -32.57 14.43
C1 EDO C . -4.88 14.62 7.28
O1 EDO C . -4.97 13.29 6.68
C2 EDO C . -3.91 14.63 8.50
O2 EDO C . -2.48 14.49 8.17
C1 EDO D . -12.15 18.93 -14.08
O1 EDO D . -12.64 19.78 -15.15
C2 EDO D . -13.18 18.58 -12.99
O2 EDO D . -12.99 17.23 -12.44
#